data_2O5R
#
_entry.id   2O5R
#
_cell.length_a   69.953
_cell.length_b   69.953
_cell.length_c   283.945
_cell.angle_alpha   90.000
_cell.angle_beta   90.000
_cell.angle_gamma   120.000
#
_symmetry.space_group_name_H-M   'P 31 2 1'
#
loop_
_entity.id
_entity.type
_entity.pdbx_description
1 polymer 'Glutamyl-tRNA synthetase 1'
2 non-polymer 'CHLORIDE ION'
3 non-polymer GLYCEROL
4 water water
#
_entity_poly.entity_id   1
_entity_poly.type   'polypeptide(L)'
_entity_poly.pdbx_seq_one_letter_code
;(MSE)GSDKIHHHHHH(MSE)VRVRFAPSPTGFLHVGGARTALFNFLFARKEKGKFILRIEDTDLERSEREYEEKL
(MSE)ESLRWLGLLWDEGPDVGGDHGPYRQSERVEIYREHAERLVKEGKAYYVYAYPEEIEE(MSE)REKLLSEGKAPHY
SQE(MSE)FEKFDTPERRREYEEKGLRPAVFFK(MSE)PRKDYVLNDVVKGEVVFKTGAIGDFVI(MSE)RSNGLPTYNF
ACVVDD(MSE)L(MSE)EITHVIRGDDHLSNTLRQLALYEAFEKAPPVFAHVSTILGPDGKKLSKRHGATSVEAFRD
(MSE)GYLPEALVNYLALLGWSHPEGKELLTLEELISSFSLDRLSPNPAIFDPQKLKW(MSE)NGYYLRN(MSE)PIEKL
AELAKPFFEKAGIKIIDEEYFKKVLEITKERVEVLSEFPEESRFFFEDPAPVEIPEE(MSE)KEVFSQLKEELQNVRWT
(MSE)EEITPVFKKVLKQHGVKPKEFY(MSE)TLRRVLTGREEGPELVNIIPLLGKEIFLRRIERSLGG
;
_entity_poly.pdbx_strand_id   A
#
loop_
_chem_comp.id
_chem_comp.type
_chem_comp.name
_chem_comp.formula
CL non-polymer 'CHLORIDE ION' 'Cl -1'
GOL non-polymer GLYCEROL 'C3 H8 O3'
#
# COMPACT_ATOMS: atom_id res chain seq x y z
N MSE A 13 -16.72 -7.29 -22.05
CA MSE A 13 -17.09 -8.61 -21.45
C MSE A 13 -16.74 -8.72 -19.96
O MSE A 13 -17.53 -9.27 -19.19
CB MSE A 13 -16.43 -9.75 -22.24
CG MSE A 13 -16.76 -11.16 -21.74
N VAL A 14 -15.56 -8.21 -19.57
CA VAL A 14 -15.09 -8.20 -18.15
C VAL A 14 -14.83 -6.74 -17.73
N ARG A 15 -15.40 -6.34 -16.59
CA ARG A 15 -15.28 -4.98 -16.04
C ARG A 15 -15.27 -4.98 -14.51
N VAL A 16 -14.17 -4.51 -13.92
CA VAL A 16 -13.95 -4.47 -12.47
C VAL A 16 -13.60 -3.06 -12.02
N ARG A 17 -13.77 -2.78 -10.72
CA ARG A 17 -13.48 -1.45 -10.19
C ARG A 17 -12.89 -1.45 -8.78
N PHE A 18 -12.12 -0.40 -8.50
CA PHE A 18 -11.54 -0.11 -7.19
C PHE A 18 -12.27 1.18 -6.78
N ALA A 19 -12.97 1.13 -5.64
CA ALA A 19 -13.83 2.22 -5.17
C ALA A 19 -13.42 2.78 -3.80
N PRO A 20 -12.24 3.42 -3.71
CA PRO A 20 -11.76 3.96 -2.44
C PRO A 20 -12.35 5.32 -2.05
N SER A 21 -12.39 5.56 -0.74
CA SER A 21 -12.79 6.84 -0.16
C SER A 21 -11.43 7.47 0.21
N PRO A 22 -10.93 8.43 -0.60
CA PRO A 22 -9.59 8.96 -0.33
C PRO A 22 -9.45 9.71 1.00
N THR A 23 -8.54 9.23 1.84
CA THR A 23 -8.18 9.81 3.14
C THR A 23 -6.81 10.50 3.14
N GLY A 24 -6.07 10.43 2.00
CA GLY A 24 -4.70 10.95 1.86
C GLY A 24 -3.64 9.85 1.82
N PHE A 25 -3.90 8.73 2.50
CA PHE A 25 -2.99 7.59 2.58
C PHE A 25 -3.64 6.31 2.09
N LEU A 26 -2.99 5.65 1.12
CA LEU A 26 -3.42 4.35 0.59
C LEU A 26 -2.80 3.29 1.50
N HIS A 27 -3.62 2.62 2.29
CA HIS A 27 -3.14 1.56 3.18
C HIS A 27 -3.00 0.24 2.44
N VAL A 28 -2.31 -0.70 3.10
CA VAL A 28 -2.01 -2.04 2.54
C VAL A 28 -3.25 -2.78 2.02
N GLY A 29 -4.35 -2.73 2.77
CA GLY A 29 -5.61 -3.38 2.39
C GLY A 29 -6.19 -2.86 1.09
N GLY A 30 -6.16 -1.54 0.92
CA GLY A 30 -6.63 -0.87 -0.29
C GLY A 30 -5.75 -1.22 -1.46
N ALA A 31 -4.43 -1.02 -1.29
CA ALA A 31 -3.41 -1.35 -2.30
C ALA A 31 -3.56 -2.80 -2.81
N ARG A 32 -3.77 -3.71 -1.87
CA ARG A 32 -4.00 -5.13 -2.16
C ARG A 32 -5.27 -5.34 -3.01
N THR A 33 -6.38 -4.69 -2.62
CA THR A 33 -7.66 -4.82 -3.35
C THR A 33 -7.56 -4.27 -4.78
N ALA A 34 -6.89 -3.13 -4.93
CA ALA A 34 -6.64 -2.51 -6.25
C ALA A 34 -5.81 -3.41 -7.15
N LEU A 35 -4.84 -4.11 -6.54
CA LEU A 35 -3.97 -5.06 -7.26
C LEU A 35 -4.76 -6.24 -7.80
N PHE A 36 -5.61 -6.87 -6.98
CA PHE A 36 -6.41 -8.01 -7.46
C PHE A 36 -7.33 -7.66 -8.64
N ASN A 37 -7.91 -6.46 -8.61
CA ASN A 37 -8.74 -5.98 -9.73
C ASN A 37 -7.91 -5.75 -10.99
N PHE A 38 -6.75 -5.12 -10.80
CA PHE A 38 -5.77 -4.84 -11.87
C PHE A 38 -5.31 -6.14 -12.58
N LEU A 39 -4.94 -7.13 -11.77
CA LEU A 39 -4.48 -8.44 -12.28
C LEU A 39 -5.58 -9.18 -13.05
N PHE A 40 -6.81 -9.14 -12.53
CA PHE A 40 -7.95 -9.79 -13.17
C PHE A 40 -8.32 -9.13 -14.49
N ALA A 41 -8.34 -7.79 -14.48
CA ALA A 41 -8.63 -6.99 -15.68
C ALA A 41 -7.60 -7.24 -16.77
N ARG A 42 -6.32 -7.22 -16.40
CA ARG A 42 -5.23 -7.49 -17.35
C ARG A 42 -5.25 -8.91 -17.92
N LYS A 43 -5.47 -9.91 -17.06
CA LYS A 43 -5.51 -11.33 -17.48
C LYS A 43 -6.64 -11.60 -18.47
N GLU A 44 -7.86 -11.24 -18.09
CA GLU A 44 -9.05 -11.41 -18.94
C GLU A 44 -9.18 -10.35 -20.05
N LYS A 45 -8.26 -9.38 -20.10
CA LYS A 45 -8.22 -8.31 -21.12
C LYS A 45 -9.48 -7.43 -21.11
N GLY A 46 -9.99 -7.20 -19.90
CA GLY A 46 -11.14 -6.35 -19.64
C GLY A 46 -10.65 -5.00 -19.14
N LYS A 47 -11.58 -4.20 -18.63
CA LYS A 47 -11.30 -2.84 -18.15
C LYS A 47 -11.30 -2.75 -16.63
N PHE A 48 -10.41 -1.90 -16.09
CA PHE A 48 -10.24 -1.64 -14.66
C PHE A 48 -10.61 -0.18 -14.40
N ILE A 49 -11.70 0.03 -13.65
CA ILE A 49 -12.24 1.36 -13.35
C ILE A 49 -11.79 1.87 -11.97
N LEU A 50 -11.47 3.17 -11.89
CA LEU A 50 -11.18 3.84 -10.62
C LEU A 50 -12.37 4.75 -10.35
N ARG A 51 -13.07 4.54 -9.23
CA ARG A 51 -14.21 5.35 -8.79
C ARG A 51 -13.88 6.00 -7.45
N ILE A 52 -13.85 7.34 -7.39
CA ILE A 52 -13.54 8.06 -6.17
C ILE A 52 -14.84 8.28 -5.36
N GLU A 53 -14.89 7.67 -4.17
CA GLU A 53 -16.01 7.79 -3.23
C GLU A 53 -15.76 9.08 -2.41
N ASP A 54 -15.94 10.23 -3.07
CA ASP A 54 -15.69 11.56 -2.47
C ASP A 54 -16.98 12.32 -2.08
N THR A 55 -17.99 11.58 -1.61
CA THR A 55 -19.30 12.16 -1.23
C THR A 55 -19.15 13.18 -0.09
N ASP A 56 -18.50 12.76 1.00
CA ASP A 56 -18.27 13.61 2.19
C ASP A 56 -17.05 14.55 2.14
N LEU A 57 -16.24 14.44 1.08
CA LEU A 57 -15.07 15.31 0.90
C LEU A 57 -15.50 16.65 0.31
N GLU A 58 -14.74 17.69 0.62
CA GLU A 58 -14.95 19.04 0.08
C GLU A 58 -14.17 19.16 -1.24
N ARG A 59 -14.37 20.28 -1.93
CA ARG A 59 -13.64 20.59 -3.16
C ARG A 59 -12.14 20.78 -2.85
N SER A 60 -11.85 21.44 -1.73
CA SER A 60 -10.47 21.64 -1.24
C SER A 60 -9.69 20.34 -0.95
N GLU A 61 -10.42 19.28 -0.57
CA GLU A 61 -9.83 17.96 -0.23
C GLU A 61 -9.59 17.02 -1.45
N ARG A 62 -9.48 17.58 -2.67
CA ARG A 62 -9.17 16.76 -3.87
C ARG A 62 -7.71 16.28 -3.88
N GLU A 63 -6.83 16.89 -3.06
CA GLU A 63 -5.45 16.42 -2.91
C GLU A 63 -5.33 14.98 -2.39
N TYR A 64 -6.33 14.50 -1.63
CA TYR A 64 -6.37 13.09 -1.17
C TYR A 64 -6.49 12.14 -2.37
N GLU A 65 -7.35 12.52 -3.32
CA GLU A 65 -7.51 11.80 -4.59
C GLU A 65 -6.21 11.85 -5.40
N GLU A 66 -5.52 12.99 -5.38
CA GLU A 66 -4.24 13.17 -6.09
C GLU A 66 -3.15 12.25 -5.52
N LYS A 67 -3.10 12.13 -4.19
CA LYS A 67 -2.13 11.26 -3.50
C LYS A 67 -2.42 9.76 -3.69
N LEU A 68 -3.70 9.36 -3.64
CA LEU A 68 -4.09 7.95 -3.83
C LEU A 68 -3.77 7.47 -5.25
N MSE A 69 -4.07 8.32 -6.24
CA MSE A 69 -3.74 8.04 -7.66
C MSE A 69 -2.23 7.97 -7.91
O MSE A 69 -1.78 7.15 -8.71
CB MSE A 69 -4.35 9.13 -8.58
CG MSE A 69 -5.87 9.10 -8.69
SE MSE A 69 -6.55 10.47 -9.93
CE MSE A 69 -5.42 12.02 -9.54
N GLU A 70 -1.47 8.84 -7.22
CA GLU A 70 -0.01 8.86 -7.30
C GLU A 70 0.58 7.54 -6.77
N SER A 71 0.09 7.10 -5.61
CA SER A 71 0.51 5.84 -5.00
C SER A 71 0.15 4.61 -5.82
N LEU A 72 -1.00 4.61 -6.48
CA LEU A 72 -1.41 3.51 -7.38
C LEU A 72 -0.50 3.43 -8.61
N ARG A 73 -0.15 4.59 -9.17
CA ARG A 73 0.80 4.65 -10.29
C ARG A 73 2.23 4.31 -9.87
N TRP A 74 2.60 4.59 -8.62
CA TRP A 74 3.91 4.22 -8.07
C TRP A 74 3.99 2.70 -7.98
N LEU A 75 2.92 2.06 -7.52
CA LEU A 75 2.80 0.59 -7.48
C LEU A 75 2.61 -0.04 -8.88
N GLY A 76 2.24 0.78 -9.87
CA GLY A 76 2.04 0.36 -11.25
C GLY A 76 0.66 -0.20 -11.55
N LEU A 77 -0.33 0.13 -10.69
CA LEU A 77 -1.70 -0.36 -10.83
C LEU A 77 -2.52 0.66 -11.62
N LEU A 78 -2.15 0.81 -12.90
CA LEU A 78 -2.78 1.76 -13.81
C LEU A 78 -4.19 1.30 -14.21
N TRP A 79 -5.09 2.28 -14.31
CA TRP A 79 -6.51 2.06 -14.59
C TRP A 79 -6.87 2.56 -15.98
N ASP A 80 -7.91 1.94 -16.56
CA ASP A 80 -8.39 2.25 -17.92
C ASP A 80 -9.36 3.42 -17.91
N GLU A 81 -10.26 3.44 -16.92
CA GLU A 81 -11.26 4.51 -16.75
C GLU A 81 -11.17 5.12 -15.37
N GLY A 82 -11.30 6.44 -15.29
CA GLY A 82 -11.20 7.15 -14.02
C GLY A 82 -11.42 8.65 -14.14
N PRO A 83 -11.40 9.39 -13.01
CA PRO A 83 -11.64 10.85 -13.02
C PRO A 83 -10.71 11.68 -13.91
N ASP A 84 -9.47 11.22 -14.10
CA ASP A 84 -8.48 11.90 -14.95
C ASP A 84 -8.40 11.33 -16.38
N VAL A 85 -8.38 10.00 -16.49
CA VAL A 85 -8.31 9.31 -17.81
C VAL A 85 -9.67 9.31 -18.58
N GLY A 86 -10.77 9.61 -17.88
CA GLY A 86 -12.10 9.66 -18.49
C GLY A 86 -12.69 8.27 -18.71
N GLY A 87 -13.62 8.17 -19.65
CA GLY A 87 -14.31 6.92 -20.00
C GLY A 87 -15.78 7.14 -20.29
N ASP A 88 -16.35 6.28 -21.15
CA ASP A 88 -17.76 6.37 -21.57
C ASP A 88 -18.83 6.12 -20.47
N HIS A 89 -18.42 5.55 -19.34
CA HIS A 89 -19.30 5.26 -18.19
C HIS A 89 -19.12 6.25 -17.02
N GLY A 90 -18.65 7.46 -17.31
CA GLY A 90 -18.44 8.50 -16.30
C GLY A 90 -19.68 9.29 -15.93
N PRO A 91 -19.55 10.30 -15.01
CA PRO A 91 -18.30 10.70 -14.30
C PRO A 91 -17.84 9.65 -13.30
N TYR A 92 -16.58 9.73 -12.87
CA TYR A 92 -15.99 8.74 -11.94
C TYR A 92 -15.82 9.20 -10.47
N ARG A 93 -16.42 10.34 -10.13
CA ARG A 93 -16.44 10.86 -8.75
C ARG A 93 -17.90 10.87 -8.29
N GLN A 94 -18.17 10.27 -7.13
CA GLN A 94 -19.54 10.24 -6.58
C GLN A 94 -20.08 11.62 -6.20
N SER A 95 -19.20 12.60 -5.95
CA SER A 95 -19.60 13.99 -5.65
C SER A 95 -20.31 14.65 -6.84
N GLU A 96 -19.89 14.25 -8.05
CA GLU A 96 -20.45 14.75 -9.31
C GLU A 96 -21.69 13.99 -9.80
N ARG A 97 -22.08 12.90 -9.12
CA ARG A 97 -23.22 12.05 -9.47
C ARG A 97 -24.44 12.20 -8.53
N VAL A 98 -24.47 13.25 -7.69
CA VAL A 98 -25.55 13.42 -6.68
C VAL A 98 -26.96 13.39 -7.28
N GLU A 99 -27.12 14.03 -8.46
CA GLU A 99 -28.39 14.05 -9.19
C GLU A 99 -28.77 12.67 -9.74
N ILE A 100 -27.80 11.81 -10.06
CA ILE A 100 -28.06 10.45 -10.57
C ILE A 100 -28.66 9.58 -9.45
N TYR A 101 -28.13 9.71 -8.24
CA TYR A 101 -28.60 8.93 -7.06
C TYR A 101 -30.00 9.38 -6.64
N ARG A 102 -30.20 10.70 -6.61
CA ARG A 102 -31.51 11.33 -6.30
C ARG A 102 -32.59 10.82 -7.28
N GLU A 103 -32.28 10.83 -8.57
CA GLU A 103 -33.14 10.30 -9.68
C GLU A 103 -33.55 8.84 -9.41
N HIS A 104 -32.60 8.04 -8.95
CA HIS A 104 -32.82 6.61 -8.63
C HIS A 104 -33.59 6.39 -7.31
N ALA A 105 -33.32 7.24 -6.31
CA ALA A 105 -34.00 7.16 -5.00
C ALA A 105 -35.49 7.49 -5.15
N GLU A 106 -35.78 8.59 -5.85
CA GLU A 106 -37.16 9.01 -6.14
C GLU A 106 -37.95 7.98 -6.97
N ARG A 107 -37.25 7.27 -7.87
CA ARG A 107 -37.83 6.18 -8.67
C ARG A 107 -38.30 5.02 -7.77
N LEU A 108 -37.50 4.65 -6.77
CA LEU A 108 -37.89 3.60 -5.79
C LEU A 108 -39.08 4.05 -4.93
N VAL A 109 -39.09 5.33 -4.55
CA VAL A 109 -40.18 5.93 -3.78
C VAL A 109 -41.49 5.88 -4.58
N LYS A 110 -41.43 6.27 -5.86
CA LYS A 110 -42.60 6.22 -6.77
C LYS A 110 -43.14 4.79 -6.99
N GLU A 111 -42.25 3.80 -6.99
CA GLU A 111 -42.63 2.37 -7.10
C GLU A 111 -43.08 1.74 -5.76
N GLY A 112 -43.11 2.51 -4.66
CA GLY A 112 -43.51 2.00 -3.35
C GLY A 112 -42.48 1.11 -2.65
N LYS A 113 -41.23 1.16 -3.12
CA LYS A 113 -40.10 0.36 -2.59
C LYS A 113 -39.25 1.12 -1.56
N ALA A 114 -39.42 2.45 -1.51
CA ALA A 114 -38.73 3.33 -0.54
C ALA A 114 -39.69 4.41 -0.03
N TYR A 115 -39.24 5.25 0.90
CA TYR A 115 -40.08 6.31 1.48
C TYR A 115 -39.28 7.41 2.16
N TYR A 116 -39.92 8.58 2.32
CA TYR A 116 -39.30 9.75 2.93
C TYR A 116 -39.42 9.71 4.46
N VAL A 117 -38.39 10.23 5.15
CA VAL A 117 -38.32 10.28 6.63
C VAL A 117 -37.81 11.67 7.08
N TYR A 118 -38.56 12.31 8.00
CA TYR A 118 -38.25 13.66 8.52
C TYR A 118 -37.60 13.70 9.93
N ALA A 119 -37.06 12.56 10.39
CA ALA A 119 -36.39 12.47 11.71
C ALA A 119 -34.91 12.84 11.58
N TYR A 120 -34.40 13.63 12.53
CA TYR A 120 -32.98 14.06 12.51
C TYR A 120 -31.99 12.91 12.77
N PRO A 121 -30.72 13.05 12.33
CA PRO A 121 -29.69 12.05 12.69
C PRO A 121 -29.36 11.98 14.20
N GLU A 122 -29.58 13.08 14.93
CA GLU A 122 -29.42 13.10 16.40
C GLU A 122 -30.53 12.22 17.03
N GLU A 123 -31.74 12.30 16.44
CA GLU A 123 -32.87 11.37 16.74
C GLU A 123 -32.56 10.10 15.94
N ILE A 124 -33.44 9.09 15.91
CA ILE A 124 -33.15 7.77 15.24
C ILE A 124 -32.09 7.03 16.08
N GLU A 125 -30.93 7.67 16.25
CA GLU A 125 -29.90 7.23 17.20
C GLU A 125 -30.46 7.16 18.65
N GLU A 126 -31.45 8.01 18.97
CA GLU A 126 -32.15 7.94 20.26
C GLU A 126 -33.02 6.68 20.31
N MSE A 127 -33.85 6.46 19.29
CA MSE A 127 -34.75 5.28 19.24
C MSE A 127 -33.98 3.98 18.99
O MSE A 127 -34.48 2.90 19.31
CB MSE A 127 -35.90 5.45 18.24
CG MSE A 127 -35.61 5.10 16.80
SE MSE A 127 -37.06 5.68 15.65
CE MSE A 127 -36.46 4.80 14.03
N ARG A 128 -32.80 4.08 18.37
CA ARG A 128 -31.86 2.95 18.20
C ARG A 128 -31.53 2.40 19.59
N GLU A 129 -31.12 3.30 20.49
CA GLU A 129 -30.77 2.95 21.88
C GLU A 129 -31.99 2.58 22.73
N LYS A 130 -33.15 3.16 22.42
CA LYS A 130 -34.42 2.82 23.11
C LYS A 130 -34.82 1.38 22.79
N LEU A 131 -34.71 0.99 21.52
CA LEU A 131 -34.99 -0.38 21.09
C LEU A 131 -34.03 -1.39 21.74
N LEU A 132 -32.74 -1.05 21.78
CA LEU A 132 -31.70 -1.90 22.40
C LEU A 132 -31.89 -2.05 23.92
N SER A 133 -32.27 -0.97 24.60
CA SER A 133 -32.56 -1.01 26.05
C SER A 133 -33.81 -1.85 26.35
N GLU A 134 -34.80 -1.78 25.44
CA GLU A 134 -36.05 -2.56 25.54
C GLU A 134 -35.93 -4.04 25.09
N GLY A 135 -34.74 -4.48 24.68
CA GLY A 135 -34.52 -5.86 24.22
C GLY A 135 -34.93 -6.17 22.79
N LYS A 136 -35.55 -5.19 22.10
CA LYS A 136 -36.05 -5.36 20.74
C LYS A 136 -34.90 -5.26 19.75
N ALA A 137 -35.14 -5.76 18.54
CA ALA A 137 -34.15 -5.69 17.46
C ALA A 137 -34.09 -4.22 16.99
N PRO A 138 -32.90 -3.72 16.57
CA PRO A 138 -32.78 -2.33 16.12
C PRO A 138 -33.16 -2.13 14.62
N HIS A 139 -34.29 -2.72 14.21
CA HIS A 139 -34.75 -2.73 12.83
C HIS A 139 -35.85 -1.71 12.65
N TYR A 140 -35.68 -0.81 11.69
CA TYR A 140 -36.62 0.28 11.43
C TYR A 140 -37.74 -0.12 10.48
N SER A 141 -38.90 0.53 10.67
CA SER A 141 -40.10 0.36 9.84
C SER A 141 -40.68 1.74 9.52
N GLN A 142 -41.48 1.81 8.46
CA GLN A 142 -42.09 3.09 8.03
C GLN A 142 -43.02 3.73 9.08
N GLU A 143 -43.76 2.92 9.85
CA GLU A 143 -44.66 3.45 10.91
C GLU A 143 -43.92 4.11 12.08
N MSE A 144 -42.65 3.74 12.31
CA MSE A 144 -41.83 4.33 13.39
C MSE A 144 -41.47 5.80 13.16
O MSE A 144 -41.22 6.51 14.14
CB MSE A 144 -40.51 3.58 13.56
CG MSE A 144 -40.59 2.12 13.85
SE MSE A 144 -38.85 1.50 14.44
CE MSE A 144 -38.90 2.24 16.28
N PHE A 145 -41.42 6.22 11.90
CA PHE A 145 -41.04 7.59 11.52
C PHE A 145 -42.20 8.57 11.30
N GLU A 146 -43.45 8.08 11.39
CA GLU A 146 -44.65 8.92 11.19
C GLU A 146 -44.83 10.03 12.26
N LYS A 147 -44.24 9.81 13.45
CA LYS A 147 -44.21 10.79 14.57
C LYS A 147 -43.58 12.12 14.14
N PHE A 148 -42.50 12.02 13.36
CA PHE A 148 -41.70 13.16 12.91
C PHE A 148 -42.28 13.86 11.67
N ASP A 149 -43.17 13.19 10.95
CA ASP A 149 -43.83 13.77 9.76
C ASP A 149 -44.98 14.66 10.23
N THR A 150 -44.62 15.91 10.54
CA THR A 150 -45.54 16.96 10.98
C THR A 150 -45.27 18.22 10.13
N PRO A 151 -46.26 19.13 10.00
CA PRO A 151 -46.02 20.36 9.21
C PRO A 151 -44.94 21.30 9.79
N GLU A 152 -44.79 21.29 11.12
CA GLU A 152 -43.77 22.08 11.84
C GLU A 152 -42.35 21.62 11.48
N ARG A 153 -42.15 20.30 11.44
CA ARG A 153 -40.86 19.69 11.06
C ARG A 153 -40.53 19.90 9.58
N ARG A 154 -41.54 19.77 8.69
CA ARG A 154 -41.35 20.02 7.24
C ARG A 154 -40.92 21.47 6.96
N ARG A 155 -41.43 22.40 7.76
CA ARG A 155 -41.07 23.82 7.68
C ARG A 155 -39.62 24.01 8.16
N GLU A 156 -39.28 23.37 9.28
CA GLU A 156 -37.93 23.42 9.86
C GLU A 156 -36.87 22.88 8.90
N TYR A 157 -37.21 21.82 8.15
CA TYR A 157 -36.36 21.25 7.09
C TYR A 157 -36.20 22.21 5.91
N GLU A 158 -37.31 22.82 5.46
CA GLU A 158 -37.31 23.82 4.38
C GLU A 158 -36.46 25.03 4.76
N GLU A 159 -36.76 25.61 5.92
CA GLU A 159 -36.06 26.79 6.45
C GLU A 159 -34.56 26.58 6.77
N LYS A 160 -34.17 25.34 7.09
CA LYS A 160 -32.78 25.00 7.39
C LYS A 160 -32.03 24.33 6.19
N GLY A 161 -32.64 24.39 5.00
CA GLY A 161 -32.05 23.83 3.77
C GLY A 161 -31.93 22.31 3.68
N LEU A 162 -32.63 21.57 4.55
CA LEU A 162 -32.60 20.11 4.57
C LEU A 162 -33.73 19.50 3.74
N ARG A 163 -33.54 18.23 3.36
CA ARG A 163 -34.50 17.43 2.61
C ARG A 163 -34.81 16.22 3.47
N PRO A 164 -35.97 15.56 3.27
CA PRO A 164 -36.21 14.33 4.03
C PRO A 164 -35.32 13.18 3.53
N ALA A 165 -34.77 12.41 4.47
CA ALA A 165 -33.95 11.24 4.13
C ALA A 165 -34.84 10.17 3.50
N VAL A 166 -34.30 9.45 2.50
CA VAL A 166 -35.02 8.37 1.83
C VAL A 166 -34.57 7.05 2.45
N PHE A 167 -35.54 6.25 2.91
CA PHE A 167 -35.31 4.92 3.47
C PHE A 167 -35.84 3.88 2.51
N PHE A 168 -35.18 2.72 2.46
CA PHE A 168 -35.54 1.61 1.59
C PHE A 168 -36.32 0.59 2.39
N LYS A 169 -37.48 0.16 1.86
CA LYS A 169 -38.30 -0.87 2.50
C LYS A 169 -37.61 -2.21 2.29
N MSE A 170 -37.00 -2.74 3.36
CA MSE A 170 -36.29 -4.03 3.32
C MSE A 170 -37.33 -5.14 3.30
O MSE A 170 -38.09 -5.25 4.28
CB MSE A 170 -35.37 -4.18 4.54
CG MSE A 170 -34.53 -5.48 4.60
SE MSE A 170 -33.28 -5.72 3.11
CE MSE A 170 -32.44 -7.37 3.77
N PRO A 171 -37.39 -5.95 2.23
CA PRO A 171 -38.38 -7.02 2.19
C PRO A 171 -38.08 -8.20 3.13
N ARG A 172 -39.16 -8.87 3.56
CA ARG A 172 -39.07 -10.02 4.46
C ARG A 172 -38.83 -11.29 3.62
N LYS A 173 -37.58 -11.46 3.16
CA LYS A 173 -37.18 -12.65 2.37
C LYS A 173 -35.69 -12.99 2.49
N ASP A 174 -35.38 -14.25 2.17
CA ASP A 174 -34.00 -14.73 2.18
C ASP A 174 -33.28 -14.27 0.91
N TYR A 175 -32.00 -13.90 1.10
CA TYR A 175 -31.08 -13.52 0.01
C TYR A 175 -29.87 -14.45 0.09
N VAL A 176 -29.53 -15.08 -1.04
CA VAL A 176 -28.41 -16.02 -1.14
C VAL A 176 -27.33 -15.44 -2.04
N LEU A 177 -26.15 -15.17 -1.46
CA LEU A 177 -24.98 -14.68 -2.18
C LEU A 177 -24.12 -15.88 -2.53
N ASN A 178 -23.91 -16.12 -3.84
CA ASN A 178 -23.01 -17.16 -4.33
C ASN A 178 -21.68 -16.46 -4.62
N ASP A 179 -20.91 -16.26 -3.55
CA ASP A 179 -19.61 -15.57 -3.61
C ASP A 179 -18.56 -16.50 -4.23
N VAL A 180 -17.60 -15.92 -4.95
CA VAL A 180 -16.53 -16.69 -5.60
C VAL A 180 -15.57 -17.23 -4.54
N VAL A 181 -15.21 -16.39 -3.56
CA VAL A 181 -14.23 -16.76 -2.51
C VAL A 181 -14.89 -17.42 -1.30
N LYS A 182 -15.90 -16.76 -0.74
CA LYS A 182 -16.63 -17.24 0.44
C LYS A 182 -17.62 -18.38 0.16
N GLY A 183 -18.08 -18.52 -1.08
CA GLY A 183 -19.07 -19.54 -1.46
C GLY A 183 -20.48 -19.06 -1.17
N GLU A 184 -21.37 -19.98 -0.79
CA GLU A 184 -22.78 -19.68 -0.51
C GLU A 184 -22.94 -18.98 0.86
N VAL A 185 -23.41 -17.73 0.85
CA VAL A 185 -23.64 -16.94 2.08
C VAL A 185 -25.14 -16.61 2.17
N VAL A 186 -25.86 -17.36 2.99
CA VAL A 186 -27.31 -17.20 3.17
C VAL A 186 -27.62 -16.08 4.17
N PHE A 187 -28.35 -15.06 3.71
CA PHE A 187 -28.81 -13.96 4.54
C PHE A 187 -30.28 -14.26 4.80
N LYS A 188 -30.56 -14.83 5.97
CA LYS A 188 -31.90 -15.27 6.34
C LYS A 188 -32.86 -14.09 6.59
N THR A 189 -34.13 -14.27 6.23
CA THR A 189 -35.19 -13.25 6.41
C THR A 189 -35.24 -12.71 7.85
N GLY A 190 -35.41 -11.40 7.95
CA GLY A 190 -35.40 -10.69 9.24
C GLY A 190 -34.01 -10.48 9.84
N ALA A 191 -32.99 -10.41 8.99
CA ALA A 191 -31.60 -10.18 9.43
C ALA A 191 -31.47 -8.72 9.86
N ILE A 192 -31.74 -7.82 8.90
CA ILE A 192 -31.73 -6.37 9.09
C ILE A 192 -33.14 -5.80 8.87
N GLY A 193 -33.29 -4.49 9.07
CA GLY A 193 -34.55 -3.76 8.84
C GLY A 193 -34.38 -2.80 7.69
N ASP A 194 -35.25 -1.77 7.66
CA ASP A 194 -35.18 -0.69 6.65
C ASP A 194 -33.92 0.13 6.96
N PHE A 195 -33.34 0.72 5.92
CA PHE A 195 -32.10 1.51 6.07
C PHE A 195 -32.08 2.75 5.16
N VAL A 196 -31.23 3.71 5.53
CA VAL A 196 -31.11 4.98 4.80
C VAL A 196 -30.38 4.77 3.48
N ILE A 197 -30.97 5.25 2.39
CA ILE A 197 -30.33 5.23 1.06
C ILE A 197 -29.89 6.64 0.61
N MSE A 198 -30.65 7.67 1.01
CA MSE A 198 -30.30 9.09 0.80
C MSE A 198 -30.45 9.79 2.14
O MSE A 198 -31.48 9.63 2.80
CB MSE A 198 -31.24 9.77 -0.20
CG MSE A 198 -31.22 9.22 -1.59
SE MSE A 198 -29.56 9.58 -2.52
CE MSE A 198 -29.68 11.52 -2.69
N ARG A 199 -29.44 10.56 2.52
CA ARG A 199 -29.45 11.29 3.80
C ARG A 199 -30.16 12.63 3.66
N SER A 200 -30.46 13.25 4.81
CA SER A 200 -31.16 14.55 4.86
C SER A 200 -30.37 15.74 4.28
N ASN A 201 -29.06 15.59 4.08
CA ASN A 201 -28.20 16.60 3.42
C ASN A 201 -28.10 16.46 1.89
N GLY A 202 -28.97 15.62 1.28
CA GLY A 202 -29.01 15.39 -0.16
C GLY A 202 -27.99 14.40 -0.73
N LEU A 203 -27.09 13.88 0.13
CA LEU A 203 -26.03 12.97 -0.29
C LEU A 203 -26.44 11.51 -0.04
N PRO A 204 -25.95 10.58 -0.89
CA PRO A 204 -26.28 9.17 -0.76
C PRO A 204 -25.43 8.43 0.29
N THR A 205 -25.89 7.24 0.68
CA THR A 205 -25.11 6.36 1.55
C THR A 205 -24.17 5.55 0.65
N TYR A 206 -23.17 4.90 1.25
CA TYR A 206 -22.23 4.06 0.50
C TYR A 206 -22.93 2.96 -0.29
N ASN A 207 -23.76 2.16 0.39
CA ASN A 207 -24.47 1.04 -0.25
C ASN A 207 -25.32 1.40 -1.46
N PHE A 208 -26.07 2.51 -1.33
CA PHE A 208 -26.96 2.95 -2.41
C PHE A 208 -26.16 3.47 -3.61
N ALA A 209 -25.17 4.32 -3.34
CA ALA A 209 -24.29 4.85 -4.38
C ALA A 209 -23.50 3.72 -5.04
N CYS A 210 -23.07 2.74 -4.24
CA CYS A 210 -22.33 1.57 -4.74
C CYS A 210 -23.14 0.78 -5.77
N VAL A 211 -24.41 0.48 -5.44
CA VAL A 211 -25.29 -0.29 -6.34
C VAL A 211 -25.63 0.50 -7.61
N VAL A 212 -26.00 1.77 -7.47
CA VAL A 212 -26.32 2.63 -8.62
C VAL A 212 -25.13 2.74 -9.61
N ASP A 213 -23.92 2.89 -9.07
CA ASP A 213 -22.71 2.97 -9.90
C ASP A 213 -22.29 1.62 -10.51
N ASP A 214 -22.37 0.54 -9.73
CA ASP A 214 -22.09 -0.84 -10.24
C ASP A 214 -23.00 -1.22 -11.44
N MSE A 215 -24.25 -0.77 -11.42
CA MSE A 215 -25.20 -1.01 -12.52
C MSE A 215 -24.87 -0.11 -13.70
O MSE A 215 -24.66 -0.61 -14.80
CB MSE A 215 -26.64 -0.73 -12.10
CG MSE A 215 -27.20 -1.62 -11.01
SE MSE A 215 -29.08 -1.20 -10.60
CE MSE A 215 -29.11 0.76 -10.73
N LEU A 216 -24.83 1.20 -13.46
CA LEU A 216 -24.56 2.21 -14.52
C LEU A 216 -23.20 2.05 -15.19
N MSE A 217 -22.17 1.73 -14.39
CA MSE A 217 -20.82 1.46 -14.95
C MSE A 217 -20.64 0.04 -15.51
O MSE A 217 -19.56 -0.30 -15.93
CB MSE A 217 -19.71 1.80 -13.93
CG MSE A 217 -19.67 3.26 -13.55
SE MSE A 217 -18.30 3.69 -12.23
CE MSE A 217 -18.52 5.64 -12.21
N GLU A 218 -21.71 -0.79 -15.50
CA GLU A 218 -21.71 -2.14 -16.07
C GLU A 218 -20.63 -3.09 -15.50
N ILE A 219 -20.45 -3.00 -14.18
CA ILE A 219 -19.48 -3.83 -13.46
C ILE A 219 -19.91 -5.29 -13.55
N THR A 220 -18.97 -6.15 -13.96
CA THR A 220 -19.20 -7.60 -14.11
C THR A 220 -18.77 -8.38 -12.86
N HIS A 221 -17.66 -7.95 -12.25
CA HIS A 221 -17.08 -8.57 -11.06
C HIS A 221 -16.74 -7.52 -10.00
N VAL A 222 -17.22 -7.72 -8.78
CA VAL A 222 -16.94 -6.86 -7.63
C VAL A 222 -15.97 -7.62 -6.75
N ILE A 223 -14.70 -7.20 -6.76
CA ILE A 223 -13.63 -7.81 -5.96
C ILE A 223 -13.31 -6.78 -4.89
N ARG A 224 -13.54 -7.14 -3.62
CA ARG A 224 -13.27 -6.24 -2.50
C ARG A 224 -13.07 -7.00 -1.19
N GLY A 225 -12.67 -6.28 -0.14
CA GLY A 225 -12.41 -6.88 1.17
C GLY A 225 -13.66 -7.49 1.78
N ASP A 226 -13.49 -8.58 2.52
CA ASP A 226 -14.62 -9.27 3.17
C ASP A 226 -15.37 -8.46 4.24
N ASP A 227 -14.79 -7.35 4.72
CA ASP A 227 -15.49 -6.42 5.62
C ASP A 227 -16.78 -5.81 5.02
N HIS A 228 -16.89 -5.81 3.68
CA HIS A 228 -18.10 -5.39 2.96
C HIS A 228 -19.13 -6.53 2.71
N LEU A 229 -18.97 -7.68 3.36
CA LEU A 229 -19.88 -8.83 3.17
C LEU A 229 -21.27 -8.55 3.75
N SER A 230 -21.35 -7.96 4.95
CA SER A 230 -22.63 -7.55 5.58
C SER A 230 -23.38 -6.60 4.68
N ASN A 231 -22.65 -5.61 4.16
CA ASN A 231 -23.17 -4.64 3.19
C ASN A 231 -23.73 -5.26 1.91
N THR A 232 -23.23 -6.42 1.49
CA THR A 232 -23.73 -7.11 0.28
C THR A 232 -25.22 -7.49 0.38
N LEU A 233 -25.71 -7.78 1.59
CA LEU A 233 -27.15 -8.03 1.81
C LEU A 233 -27.99 -6.82 1.41
N ARG A 234 -27.57 -5.64 1.88
CA ARG A 234 -28.24 -4.37 1.57
C ARG A 234 -28.16 -4.05 0.07
N GLN A 235 -27.03 -4.40 -0.56
CA GLN A 235 -26.83 -4.18 -1.99
C GLN A 235 -27.66 -5.17 -2.84
N LEU A 236 -27.66 -6.46 -2.48
CA LEU A 236 -28.46 -7.49 -3.21
C LEU A 236 -29.95 -7.16 -3.26
N ALA A 237 -30.48 -6.61 -2.15
CA ALA A 237 -31.88 -6.17 -2.05
C ALA A 237 -32.15 -5.02 -3.01
N LEU A 238 -31.20 -4.07 -3.11
CA LEU A 238 -31.30 -2.92 -4.02
C LEU A 238 -31.27 -3.34 -5.51
N TYR A 239 -30.38 -4.29 -5.85
CA TYR A 239 -30.34 -4.86 -7.22
C TYR A 239 -31.69 -5.42 -7.64
N GLU A 240 -32.31 -6.17 -6.71
CA GLU A 240 -33.64 -6.76 -6.90
C GLU A 240 -34.70 -5.66 -7.04
N ALA A 241 -34.57 -4.58 -6.24
CA ALA A 241 -35.47 -3.41 -6.30
C ALA A 241 -35.45 -2.75 -7.69
N PHE A 242 -34.25 -2.60 -8.26
CA PHE A 242 -34.07 -2.09 -9.63
C PHE A 242 -34.25 -3.16 -10.75
N GLU A 243 -34.53 -4.41 -10.37
CA GLU A 243 -34.78 -5.54 -11.29
C GLU A 243 -33.61 -5.80 -12.27
N LYS A 244 -32.40 -5.66 -11.74
CA LYS A 244 -31.17 -5.83 -12.50
C LYS A 244 -30.40 -6.97 -11.81
N ALA A 245 -29.86 -7.89 -12.60
CA ALA A 245 -29.06 -9.02 -12.09
C ALA A 245 -27.76 -8.44 -11.52
N PRO A 246 -27.38 -8.86 -10.29
CA PRO A 246 -26.17 -8.31 -9.69
C PRO A 246 -24.89 -8.85 -10.33
N PRO A 247 -23.74 -8.19 -10.06
CA PRO A 247 -22.47 -8.69 -10.57
C PRO A 247 -21.97 -9.87 -9.76
N VAL A 248 -20.88 -10.48 -10.23
CA VAL A 248 -20.23 -11.58 -9.55
C VAL A 248 -19.48 -10.93 -8.38
N PHE A 249 -19.57 -11.55 -7.19
CA PHE A 249 -18.89 -11.05 -5.98
C PHE A 249 -17.72 -11.95 -5.56
N ALA A 250 -16.60 -11.32 -5.18
CA ALA A 250 -15.40 -11.99 -4.67
C ALA A 250 -14.94 -11.22 -3.43
N HIS A 251 -15.15 -11.81 -2.24
CA HIS A 251 -14.79 -11.18 -0.96
C HIS A 251 -13.46 -11.70 -0.44
N VAL A 252 -12.43 -10.86 -0.59
CA VAL A 252 -11.04 -11.21 -0.26
C VAL A 252 -10.73 -11.13 1.23
N SER A 253 -9.62 -11.77 1.61
CA SER A 253 -9.15 -11.91 2.99
C SER A 253 -9.01 -10.62 3.82
N THR A 254 -9.14 -10.78 5.14
CA THR A 254 -8.89 -9.71 6.10
C THR A 254 -7.40 -9.77 6.39
N ILE A 255 -6.72 -8.63 6.32
CA ILE A 255 -5.27 -8.59 6.59
C ILE A 255 -5.09 -8.38 8.09
N LEU A 256 -4.50 -9.38 8.75
CA LEU A 256 -4.21 -9.34 10.17
C LEU A 256 -2.73 -9.03 10.39
N GLY A 257 -2.40 -8.43 11.53
CA GLY A 257 -1.01 -8.17 11.91
C GLY A 257 -0.38 -9.50 12.33
N PRO A 258 0.96 -9.53 12.55
CA PRO A 258 1.64 -10.78 12.92
C PRO A 258 1.16 -11.49 14.21
N ASP A 259 0.53 -10.75 15.14
CA ASP A 259 0.00 -11.37 16.38
C ASP A 259 -1.42 -11.97 16.26
N GLY A 260 -2.11 -11.72 15.13
CA GLY A 260 -3.46 -12.23 14.88
C GLY A 260 -4.54 -11.15 14.84
N LYS A 261 -4.35 -10.07 15.61
CA LYS A 261 -5.28 -8.94 15.64
C LYS A 261 -5.21 -8.14 14.33
N LYS A 262 -6.31 -7.45 14.01
CA LYS A 262 -6.46 -6.66 12.75
C LYS A 262 -5.28 -5.70 12.52
N LEU A 263 -4.88 -5.54 11.26
CA LEU A 263 -3.70 -4.71 10.91
C LEU A 263 -3.97 -3.26 11.32
N SER A 264 -2.98 -2.61 11.93
CA SER A 264 -3.15 -1.26 12.49
C SER A 264 -1.83 -0.56 12.86
N LYS A 265 -1.97 0.68 13.36
CA LYS A 265 -0.88 1.56 13.86
C LYS A 265 0.24 0.84 14.62
N ARG A 266 -0.17 0.07 15.64
CA ARG A 266 0.76 -0.68 16.53
C ARG A 266 1.66 -1.70 15.82
N HIS A 267 1.18 -2.25 14.71
CA HIS A 267 1.93 -3.23 13.90
C HIS A 267 3.06 -2.65 13.06
N GLY A 268 3.19 -1.32 13.01
CA GLY A 268 4.25 -0.62 12.27
C GLY A 268 3.68 0.24 11.15
N ALA A 269 4.41 0.34 10.04
CA ALA A 269 3.98 1.11 8.87
C ALA A 269 2.84 0.38 8.19
N THR A 270 1.75 1.11 7.96
CA THR A 270 0.53 0.57 7.34
C THR A 270 0.22 1.17 5.94
N SER A 271 0.74 2.36 5.63
CA SER A 271 0.48 3.06 4.36
C SER A 271 1.54 2.79 3.29
N VAL A 272 1.13 2.85 2.03
CA VAL A 272 2.02 2.72 0.86
C VAL A 272 3.02 3.90 0.81
N GLU A 273 2.57 5.06 1.30
CA GLU A 273 3.41 6.26 1.39
C GLU A 273 4.55 6.08 2.42
N ALA A 274 4.25 5.43 3.55
CA ALA A 274 5.22 5.15 4.61
C ALA A 274 6.33 4.22 4.13
N PHE A 275 5.96 3.18 3.39
CA PHE A 275 6.92 2.24 2.79
C PHE A 275 7.83 2.92 1.75
N ARG A 276 7.26 3.80 0.94
CA ARG A 276 8.02 4.59 -0.05
C ARG A 276 9.03 5.52 0.65
N ASP A 277 8.61 6.16 1.74
CA ASP A 277 9.48 7.04 2.53
C ASP A 277 10.63 6.28 3.23
N MSE A 278 10.34 5.07 3.75
CA MSE A 278 11.37 4.22 4.38
C MSE A 278 12.34 3.63 3.35
O MSE A 278 13.43 3.25 3.73
CB MSE A 278 10.76 3.08 5.21
CG MSE A 278 10.05 3.54 6.46
SE MSE A 278 8.96 2.13 7.29
CE MSE A 278 7.89 3.23 8.51
N GLY A 279 11.93 3.52 2.08
CA GLY A 279 12.79 3.00 1.00
C GLY A 279 12.46 1.63 0.42
N TYR A 280 11.17 1.28 0.35
CA TYR A 280 10.71 0.02 -0.25
C TYR A 280 10.49 0.22 -1.75
N LEU A 281 10.58 -0.86 -2.53
CA LEU A 281 10.41 -0.81 -3.99
C LEU A 281 8.98 -1.23 -4.36
N PRO A 282 8.41 -0.67 -5.46
CA PRO A 282 7.07 -1.07 -5.91
C PRO A 282 6.90 -2.57 -6.22
N GLU A 283 7.89 -3.16 -6.89
CA GLU A 283 7.86 -4.58 -7.29
C GLU A 283 7.84 -5.50 -6.08
N ALA A 284 8.52 -5.07 -5.01
CA ALA A 284 8.57 -5.79 -3.74
C ALA A 284 7.21 -5.76 -3.06
N LEU A 285 6.67 -4.56 -2.90
CA LEU A 285 5.34 -4.35 -2.30
C LEU A 285 4.26 -5.09 -3.09
N VAL A 286 4.20 -4.84 -4.40
CA VAL A 286 3.21 -5.48 -5.30
C VAL A 286 3.22 -7.02 -5.21
N ASN A 287 4.41 -7.60 -5.22
CA ASN A 287 4.60 -9.05 -5.10
C ASN A 287 4.10 -9.52 -3.74
N TYR A 288 4.45 -8.79 -2.68
CA TYR A 288 4.00 -9.14 -1.32
C TYR A 288 2.49 -8.95 -1.15
N LEU A 289 1.96 -7.81 -1.63
CA LEU A 289 0.51 -7.53 -1.61
C LEU A 289 -0.29 -8.63 -2.30
N ALA A 290 0.25 -9.16 -3.42
CA ALA A 290 -0.35 -10.29 -4.15
C ALA A 290 -0.56 -11.53 -3.27
N LEU A 291 0.37 -11.78 -2.34
CA LEU A 291 0.30 -12.95 -1.44
C LEU A 291 -0.66 -12.81 -0.25
N LEU A 292 -1.17 -11.59 -0.03
CA LEU A 292 -2.14 -11.33 1.06
C LEU A 292 -3.55 -11.65 0.57
N GLY A 293 -3.90 -12.94 0.60
CA GLY A 293 -5.22 -13.43 0.18
C GLY A 293 -5.29 -14.20 -1.14
N TRP A 294 -4.14 -14.65 -1.64
CA TRP A 294 -4.01 -15.45 -2.85
C TRP A 294 -2.67 -16.20 -2.81
N SER A 295 -2.61 -17.35 -3.46
CA SER A 295 -1.40 -18.17 -3.57
C SER A 295 -1.22 -18.70 -4.98
N HIS A 296 0.03 -18.89 -5.38
CA HIS A 296 0.41 -19.44 -6.69
C HIS A 296 0.15 -20.95 -6.62
N PRO A 297 -0.39 -21.58 -7.71
CA PRO A 297 -0.67 -23.04 -7.74
C PRO A 297 0.41 -23.94 -7.15
N GLU A 298 1.69 -23.66 -7.47
CA GLU A 298 2.89 -24.36 -6.95
C GLU A 298 3.55 -23.67 -5.72
N GLY A 299 2.87 -22.73 -5.09
CA GLY A 299 3.40 -22.02 -3.90
C GLY A 299 4.54 -21.04 -4.10
N LYS A 300 4.78 -20.61 -5.34
CA LYS A 300 5.84 -19.66 -5.69
C LYS A 300 5.49 -18.26 -5.16
N GLU A 301 6.47 -17.62 -4.51
CA GLU A 301 6.31 -16.30 -3.87
C GLU A 301 7.11 -15.16 -4.50
N LEU A 302 8.22 -15.47 -5.16
CA LEU A 302 9.02 -14.46 -5.87
C LEU A 302 8.55 -14.51 -7.31
N LEU A 303 7.52 -13.71 -7.58
CA LEU A 303 6.87 -13.59 -8.88
C LEU A 303 6.97 -12.16 -9.41
N THR A 304 7.32 -12.01 -10.70
CA THR A 304 7.31 -10.69 -11.36
C THR A 304 5.86 -10.29 -11.62
N LEU A 305 5.65 -9.05 -12.06
CA LEU A 305 4.28 -8.56 -12.34
C LEU A 305 3.67 -9.33 -13.52
N GLU A 306 4.50 -9.71 -14.51
CA GLU A 306 4.04 -10.53 -15.64
C GLU A 306 3.61 -11.92 -15.16
N GLU A 307 4.38 -12.52 -14.24
CA GLU A 307 4.06 -13.83 -13.65
C GLU A 307 2.76 -13.79 -12.84
N LEU A 308 2.52 -12.70 -12.10
CA LEU A 308 1.28 -12.53 -11.32
C LEU A 308 0.05 -12.50 -12.23
N ILE A 309 0.10 -11.69 -13.29
CA ILE A 309 -1.01 -11.60 -14.26
C ILE A 309 -1.37 -12.97 -14.87
N SER A 310 -0.34 -13.74 -15.24
CA SER A 310 -0.52 -15.08 -15.83
C SER A 310 -1.06 -16.14 -14.87
N SER A 311 -0.50 -16.18 -13.65
CA SER A 311 -0.87 -17.18 -12.63
C SER A 311 -2.10 -16.86 -11.77
N PHE A 312 -2.47 -15.58 -11.65
CA PHE A 312 -3.59 -15.15 -10.80
C PHE A 312 -4.94 -15.67 -11.30
N SER A 313 -5.82 -16.01 -10.36
CA SER A 313 -7.19 -16.44 -10.64
C SER A 313 -8.08 -16.30 -9.41
N LEU A 314 -9.38 -16.15 -9.65
CA LEU A 314 -10.37 -16.00 -8.57
C LEU A 314 -10.58 -17.29 -7.77
N ASP A 315 -10.41 -18.45 -8.39
CA ASP A 315 -10.52 -19.75 -7.68
C ASP A 315 -9.40 -20.00 -6.62
N ARG A 316 -8.28 -19.27 -6.72
CA ARG A 316 -7.19 -19.35 -5.72
C ARG A 316 -7.20 -18.22 -4.66
N LEU A 317 -8.33 -17.51 -4.51
CA LEU A 317 -8.48 -16.48 -3.47
C LEU A 317 -8.85 -17.19 -2.18
N SER A 318 -8.13 -16.89 -1.10
CA SER A 318 -8.35 -17.56 0.19
C SER A 318 -9.62 -17.08 0.89
N PRO A 319 -10.45 -18.01 1.41
CA PRO A 319 -11.58 -17.61 2.26
C PRO A 319 -11.13 -17.22 3.70
N ASN A 320 -9.89 -17.59 4.07
CA ASN A 320 -9.30 -17.35 5.39
C ASN A 320 -8.48 -16.05 5.39
N PRO A 321 -8.09 -15.52 6.57
CA PRO A 321 -7.31 -14.28 6.60
C PRO A 321 -5.82 -14.40 6.23
N ALA A 322 -5.25 -13.27 5.85
CA ALA A 322 -3.85 -13.12 5.47
C ALA A 322 -3.15 -12.51 6.67
N ILE A 323 -2.01 -13.08 7.07
CA ILE A 323 -1.23 -12.55 8.21
C ILE A 323 -0.05 -11.77 7.63
N PHE A 324 0.06 -10.50 8.03
CA PHE A 324 1.08 -9.58 7.53
C PHE A 324 2.41 -9.89 8.22
N ASP A 325 3.44 -10.18 7.41
CA ASP A 325 4.79 -10.54 7.86
C ASP A 325 5.74 -9.39 7.46
N PRO A 326 6.09 -8.48 8.41
CA PRO A 326 7.02 -7.39 8.06
C PRO A 326 8.43 -7.86 7.67
N GLN A 327 8.92 -8.92 8.32
CA GLN A 327 10.21 -9.52 8.01
C GLN A 327 10.25 -10.02 6.56
N LYS A 328 9.19 -10.73 6.14
CA LYS A 328 9.10 -11.28 4.76
C LYS A 328 9.02 -10.17 3.71
N LEU A 329 8.29 -9.09 4.02
CA LEU A 329 8.20 -7.94 3.10
C LEU A 329 9.56 -7.27 2.95
N LYS A 330 10.24 -7.08 4.08
CA LYS A 330 11.57 -6.43 4.11
C LYS A 330 12.63 -7.30 3.45
N TRP A 331 12.58 -8.61 3.70
CA TRP A 331 13.49 -9.56 3.03
C TRP A 331 13.25 -9.55 1.52
N MSE A 332 11.98 -9.67 1.13
CA MSE A 332 11.56 -9.65 -0.29
C MSE A 332 11.97 -8.35 -0.99
O MSE A 332 12.28 -8.37 -2.18
CB MSE A 332 10.05 -9.90 -0.40
CG MSE A 332 9.51 -10.10 -1.81
SE MSE A 332 7.60 -10.59 -1.85
CE MSE A 332 7.64 -12.17 -0.69
N ASN A 333 11.97 -7.24 -0.24
CA ASN A 333 12.42 -5.93 -0.75
C ASN A 333 13.93 -5.98 -1.07
N GLY A 334 14.70 -6.57 -0.16
CA GLY A 334 16.14 -6.76 -0.34
C GLY A 334 16.45 -7.58 -1.58
N TYR A 335 15.66 -8.61 -1.85
CA TYR A 335 15.78 -9.47 -3.05
C TYR A 335 15.69 -8.63 -4.33
N TYR A 336 14.63 -7.84 -4.45
CA TYR A 336 14.43 -6.98 -5.63
C TYR A 336 15.49 -5.88 -5.73
N LEU A 337 15.86 -5.31 -4.58
CA LEU A 337 16.88 -4.25 -4.49
C LEU A 337 18.26 -4.69 -5.01
N ARG A 338 18.64 -5.94 -4.75
CA ARG A 338 19.93 -6.53 -5.17
C ARG A 338 19.95 -7.01 -6.61
N ASN A 339 18.83 -7.56 -7.09
CA ASN A 339 18.68 -8.03 -8.49
C ASN A 339 18.21 -6.95 -9.50
N MSE A 340 17.97 -5.72 -9.01
CA MSE A 340 17.55 -4.58 -9.85
C MSE A 340 18.74 -4.05 -10.66
O MSE A 340 19.86 -4.03 -10.13
CB MSE A 340 16.98 -3.47 -8.96
CG MSE A 340 16.83 -2.08 -9.58
SE MSE A 340 15.72 -0.90 -8.48
CE MSE A 340 16.51 -1.21 -6.72
N PRO A 341 18.51 -3.63 -11.94
CA PRO A 341 19.58 -3.00 -12.75
C PRO A 341 20.22 -1.78 -12.04
N ILE A 342 21.55 -1.75 -12.02
CA ILE A 342 22.34 -0.72 -11.31
C ILE A 342 22.01 0.73 -11.73
N GLU A 343 21.65 0.93 -13.00
CA GLU A 343 21.25 2.25 -13.54
C GLU A 343 19.99 2.75 -12.83
N LYS A 344 19.02 1.85 -12.65
CA LYS A 344 17.75 2.17 -11.97
C LYS A 344 17.97 2.31 -10.44
N LEU A 345 18.71 1.36 -9.86
CA LEU A 345 19.06 1.37 -8.41
C LEU A 345 19.77 2.66 -7.98
N ALA A 346 20.53 3.27 -8.89
CA ALA A 346 21.23 4.53 -8.65
C ALA A 346 20.26 5.71 -8.48
N GLU A 347 19.36 5.89 -9.45
CA GLU A 347 18.40 7.00 -9.39
C GLU A 347 17.42 6.90 -8.19
N LEU A 348 17.03 5.68 -7.82
CA LEU A 348 16.16 5.45 -6.66
C LEU A 348 16.86 5.68 -5.32
N ALA A 349 18.16 5.34 -5.25
CA ALA A 349 18.97 5.51 -4.03
C ALA A 349 19.47 6.94 -3.78
N LYS A 350 19.77 7.67 -4.86
CA LYS A 350 20.36 9.04 -4.80
C LYS A 350 19.70 10.04 -3.82
N PRO A 351 18.34 10.16 -3.83
CA PRO A 351 17.65 11.06 -2.88
C PRO A 351 17.87 10.74 -1.39
N PHE A 352 18.01 9.46 -1.05
CA PHE A 352 18.27 9.02 0.34
C PHE A 352 19.65 9.47 0.83
N PHE A 353 20.63 9.51 -0.08
CA PHE A 353 21.97 10.04 0.23
C PHE A 353 21.92 11.56 0.43
N GLU A 354 21.28 12.25 -0.50
CA GLU A 354 21.12 13.72 -0.45
C GLU A 354 20.35 14.16 0.81
N LYS A 355 19.32 13.39 1.18
CA LYS A 355 18.55 13.61 2.42
C LYS A 355 19.42 13.36 3.66
N ALA A 356 20.33 12.38 3.57
CA ALA A 356 21.30 12.04 4.64
C ALA A 356 22.55 12.94 4.73
N GLY A 357 22.66 13.96 3.86
CA GLY A 357 23.81 14.88 3.86
C GLY A 357 24.98 14.54 2.95
N ILE A 358 24.98 13.33 2.37
CA ILE A 358 26.04 12.85 1.48
C ILE A 358 25.71 13.37 0.07
N LYS A 359 26.59 14.19 -0.50
CA LYS A 359 26.41 14.71 -1.88
C LYS A 359 27.08 13.77 -2.89
N ILE A 360 26.40 13.53 -4.01
CA ILE A 360 26.84 12.62 -5.07
C ILE A 360 26.98 13.35 -6.42
N ILE A 361 28.23 13.58 -6.84
CA ILE A 361 28.56 14.22 -8.14
C ILE A 361 29.09 13.18 -9.15
N ASP A 362 29.99 12.30 -8.70
CA ASP A 362 30.56 11.23 -9.53
C ASP A 362 29.53 10.09 -9.66
N GLU A 363 28.94 9.95 -10.86
CA GLU A 363 27.92 8.93 -11.14
C GLU A 363 28.48 7.51 -11.27
N GLU A 364 29.66 7.37 -11.88
CA GLU A 364 30.32 6.06 -12.04
C GLU A 364 30.79 5.48 -10.71
N TYR A 365 31.37 6.34 -9.86
CA TYR A 365 31.80 5.95 -8.50
C TYR A 365 30.61 5.51 -7.63
N PHE A 366 29.49 6.23 -7.75
CA PHE A 366 28.25 5.97 -7.01
C PHE A 366 27.66 4.59 -7.32
N LYS A 367 27.61 4.23 -8.61
CA LYS A 367 27.13 2.92 -9.07
C LYS A 367 27.99 1.78 -8.50
N LYS A 368 29.31 1.98 -8.46
CA LYS A 368 30.25 1.01 -7.89
C LYS A 368 30.08 0.87 -6.36
N VAL A 369 29.91 2.00 -5.66
CA VAL A 369 29.70 2.00 -4.21
C VAL A 369 28.40 1.27 -3.82
N LEU A 370 27.33 1.50 -4.59
CA LEU A 370 26.04 0.81 -4.38
C LEU A 370 26.11 -0.69 -4.69
N GLU A 371 26.83 -1.06 -5.77
CA GLU A 371 27.00 -2.47 -6.20
C GLU A 371 27.63 -3.36 -5.13
N ILE A 372 28.52 -2.79 -4.31
CA ILE A 372 29.16 -3.50 -3.20
C ILE A 372 28.20 -3.56 -2.02
N THR A 373 27.82 -2.37 -1.51
CA THR A 373 26.99 -2.24 -0.31
C THR A 373 25.52 -2.71 -0.38
N LYS A 374 24.99 -2.98 -1.59
CA LYS A 374 23.60 -3.47 -1.75
C LYS A 374 23.31 -4.82 -1.09
N GLU A 375 24.34 -5.66 -0.93
CA GLU A 375 24.22 -6.98 -0.29
C GLU A 375 23.99 -6.87 1.24
N ARG A 376 24.29 -5.71 1.82
CA ARG A 376 24.14 -5.43 3.26
C ARG A 376 22.86 -4.65 3.64
N VAL A 377 22.18 -4.06 2.65
CA VAL A 377 20.93 -3.32 2.87
C VAL A 377 19.73 -4.07 2.27
N GLU A 378 18.61 -4.02 2.99
CA GLU A 378 17.31 -4.57 2.54
C GLU A 378 16.42 -3.45 2.02
N VAL A 379 16.51 -2.27 2.65
CA VAL A 379 15.73 -1.06 2.30
C VAL A 379 16.66 0.08 1.84
N LEU A 380 16.16 0.95 0.95
CA LEU A 380 16.96 2.06 0.39
C LEU A 380 17.44 3.12 1.39
N SER A 381 16.71 3.33 2.50
CA SER A 381 17.16 4.28 3.55
C SER A 381 18.38 3.80 4.35
N GLU A 382 18.70 2.50 4.26
CA GLU A 382 19.87 1.92 4.94
C GLU A 382 21.20 2.20 4.21
N PHE A 383 21.14 2.46 2.89
CA PHE A 383 22.34 2.77 2.07
C PHE A 383 23.29 3.87 2.59
N PRO A 384 22.78 5.08 2.92
CA PRO A 384 23.64 6.19 3.41
C PRO A 384 24.57 5.86 4.60
N GLU A 385 24.02 5.35 5.70
CA GLU A 385 24.82 4.97 6.89
C GLU A 385 25.73 3.76 6.63
N GLU A 386 25.29 2.84 5.77
CA GLU A 386 26.08 1.66 5.39
C GLU A 386 27.27 2.03 4.48
N SER A 387 27.01 2.89 3.50
CA SER A 387 28.01 3.34 2.50
C SER A 387 28.71 4.68 2.81
N ARG A 388 28.55 5.22 4.04
CA ARG A 388 29.09 6.55 4.42
C ARG A 388 30.61 6.67 4.30
N PHE A 389 31.33 5.63 4.72
CA PHE A 389 32.80 5.62 4.64
C PHE A 389 33.36 5.74 3.22
N PHE A 390 32.63 5.27 2.21
CA PHE A 390 33.04 5.41 0.80
C PHE A 390 33.09 6.86 0.28
N PHE A 391 32.47 7.81 0.98
CA PHE A 391 32.44 9.22 0.57
C PHE A 391 33.20 10.12 1.55
N GLU A 392 32.83 10.05 2.83
CA GLU A 392 33.44 10.86 3.90
C GLU A 392 34.50 10.06 4.67
N ASP A 393 35.63 10.71 4.99
CA ASP A 393 36.70 10.08 5.80
C ASP A 393 36.16 9.80 7.21
N PRO A 394 36.38 8.58 7.74
CA PRO A 394 35.87 8.28 9.09
C PRO A 394 36.71 8.91 10.21
N ALA A 395 36.30 8.67 11.45
CA ALA A 395 37.01 9.19 12.64
C ALA A 395 38.36 8.47 12.78
N PRO A 396 39.46 9.23 13.07
CA PRO A 396 40.79 8.61 13.22
C PRO A 396 40.90 7.71 14.46
N VAL A 397 41.30 6.45 14.26
CA VAL A 397 41.46 5.44 15.32
C VAL A 397 42.94 5.36 15.69
N GLU A 398 43.23 5.10 16.98
CA GLU A 398 44.62 4.97 17.44
C GLU A 398 45.18 3.63 16.94
N ILE A 399 46.20 3.71 16.07
CA ILE A 399 46.87 2.51 15.52
C ILE A 399 47.79 1.96 16.63
N PRO A 400 47.62 0.67 17.06
CA PRO A 400 48.48 0.09 18.13
C PRO A 400 50.00 0.20 17.91
N GLU A 401 50.74 0.20 19.02
CA GLU A 401 52.20 0.44 19.06
C GLU A 401 53.07 -0.34 18.05
N GLU A 402 52.95 -1.68 18.05
CA GLU A 402 53.75 -2.54 17.15
C GLU A 402 53.49 -2.37 15.65
N MSE A 403 52.31 -1.84 15.28
CA MSE A 403 51.93 -1.62 13.88
C MSE A 403 52.17 -0.20 13.35
O MSE A 403 52.13 -0.02 12.13
CB MSE A 403 50.47 -2.01 13.67
CG MSE A 403 50.26 -3.46 13.98
SE MSE A 403 48.50 -4.06 13.58
CE MSE A 403 48.79 -5.92 14.05
N LYS A 404 52.40 0.78 14.22
CA LYS A 404 52.70 2.16 13.83
C LYS A 404 53.76 2.25 12.72
N GLU A 405 54.79 1.43 12.87
CA GLU A 405 55.90 1.36 11.91
C GLU A 405 55.50 0.67 10.59
N VAL A 406 54.63 -0.35 10.67
CA VAL A 406 54.13 -1.06 9.48
C VAL A 406 53.23 -0.16 8.62
N PHE A 407 52.24 0.47 9.24
CA PHE A 407 51.31 1.41 8.56
C PHE A 407 52.02 2.64 7.94
N SER A 408 53.07 3.13 8.60
CA SER A 408 53.87 4.25 8.09
C SER A 408 54.70 3.88 6.85
N GLN A 409 55.12 2.62 6.76
CA GLN A 409 55.89 2.11 5.61
C GLN A 409 55.03 1.97 4.35
N LEU A 410 53.73 1.67 4.51
CA LEU A 410 52.81 1.49 3.37
C LEU A 410 52.68 2.69 2.41
N LYS A 411 52.89 3.91 2.92
CA LYS A 411 52.89 5.13 2.11
C LYS A 411 53.99 5.10 1.03
N GLU A 412 55.18 4.64 1.44
CA GLU A 412 56.36 4.51 0.57
C GLU A 412 56.22 3.34 -0.42
N GLU A 413 55.86 2.17 0.10
CA GLU A 413 55.74 0.91 -0.67
C GLU A 413 54.70 0.96 -1.80
N LEU A 414 53.49 1.40 -1.44
CA LEU A 414 52.34 1.47 -2.37
C LEU A 414 52.28 2.70 -3.30
N GLN A 415 53.28 3.59 -3.24
CA GLN A 415 53.32 4.80 -4.09
C GLN A 415 53.45 4.47 -5.58
N ASN A 416 54.39 3.58 -5.91
CA ASN A 416 54.71 3.15 -7.29
C ASN A 416 54.12 1.75 -7.52
N VAL A 417 52.78 1.66 -7.43
CA VAL A 417 52.03 0.39 -7.58
C VAL A 417 50.67 0.60 -8.28
N ARG A 418 50.29 -0.31 -9.17
CA ARG A 418 48.96 -0.28 -9.82
C ARG A 418 47.93 -0.51 -8.73
N TRP A 419 46.91 0.33 -8.66
CA TRP A 419 45.92 0.26 -7.58
C TRP A 419 44.89 -0.87 -7.76
N THR A 420 45.36 -2.09 -7.50
CA THR A 420 44.58 -3.32 -7.64
C THR A 420 45.09 -4.35 -6.61
N MSE A 421 44.18 -5.14 -6.02
CA MSE A 421 44.55 -6.11 -4.97
C MSE A 421 45.64 -7.11 -5.34
O MSE A 421 46.46 -7.46 -4.50
CB MSE A 421 43.33 -6.88 -4.42
CG MSE A 421 42.29 -6.02 -3.73
SE MSE A 421 43.01 -4.83 -2.35
CE MSE A 421 43.67 -6.16 -1.09
N GLU A 422 45.65 -7.54 -6.60
CA GLU A 422 46.68 -8.44 -7.13
C GLU A 422 48.11 -7.88 -6.94
N GLU A 423 48.27 -6.54 -6.99
CA GLU A 423 49.55 -5.87 -6.70
C GLU A 423 49.65 -5.31 -5.26
N ILE A 424 48.52 -4.95 -4.64
CA ILE A 424 48.50 -4.43 -3.25
C ILE A 424 48.71 -5.52 -2.20
N THR A 425 48.02 -6.65 -2.33
CA THR A 425 48.10 -7.76 -1.36
C THR A 425 49.52 -8.33 -1.12
N PRO A 426 50.30 -8.65 -2.19
CA PRO A 426 51.70 -9.08 -1.97
C PRO A 426 52.59 -8.05 -1.24
N VAL A 427 52.30 -6.75 -1.40
CA VAL A 427 53.02 -5.69 -0.67
C VAL A 427 52.66 -5.73 0.83
N PHE A 428 51.40 -6.00 1.18
CA PHE A 428 50.98 -6.16 2.58
C PHE A 428 51.68 -7.37 3.21
N LYS A 429 51.68 -8.50 2.50
CA LYS A 429 52.34 -9.75 2.96
C LYS A 429 53.83 -9.55 3.23
N LYS A 430 54.50 -8.82 2.33
CA LYS A 430 55.93 -8.55 2.42
C LYS A 430 56.24 -7.74 3.68
N VAL A 431 55.57 -6.60 3.84
CA VAL A 431 55.75 -5.70 5.00
C VAL A 431 55.39 -6.36 6.34
N LEU A 432 54.31 -7.13 6.37
CA LEU A 432 53.88 -7.83 7.61
C LEU A 432 54.85 -8.93 8.05
N LYS A 433 55.33 -9.71 7.08
CA LYS A 433 56.31 -10.78 7.35
C LYS A 433 57.65 -10.18 7.79
N GLN A 434 58.11 -9.16 7.05
CA GLN A 434 59.34 -8.40 7.30
C GLN A 434 59.39 -7.84 8.73
N HIS A 435 58.29 -7.23 9.17
CA HIS A 435 58.17 -6.67 10.52
C HIS A 435 57.81 -7.67 11.63
N GLY A 436 57.24 -8.83 11.25
CA GLY A 436 56.86 -9.87 12.21
C GLY A 436 55.58 -9.46 12.92
N VAL A 437 54.56 -9.15 12.12
CA VAL A 437 53.24 -8.71 12.57
C VAL A 437 52.21 -9.68 11.96
N LYS A 438 51.30 -10.20 12.81
CA LYS A 438 50.28 -11.18 12.37
C LYS A 438 49.21 -10.49 11.52
N PRO A 439 48.78 -11.13 10.40
CA PRO A 439 47.82 -10.49 9.49
C PRO A 439 46.41 -10.21 10.03
N LYS A 440 45.90 -11.07 10.92
CA LYS A 440 44.57 -10.90 11.53
C LYS A 440 44.40 -9.52 12.15
N GLU A 441 45.33 -9.16 13.04
CA GLU A 441 45.31 -7.87 13.72
C GLU A 441 45.57 -6.68 12.77
N PHE A 442 46.35 -6.89 11.70
CA PHE A 442 46.60 -5.85 10.68
C PHE A 442 45.32 -5.50 9.91
N TYR A 443 44.63 -6.53 9.41
CA TYR A 443 43.38 -6.33 8.65
C TYR A 443 42.23 -5.81 9.52
N MSE A 444 42.21 -6.14 10.81
CA MSE A 444 41.22 -5.58 11.76
C MSE A 444 41.46 -4.08 11.93
O MSE A 444 40.54 -3.29 11.75
CB MSE A 444 41.17 -6.32 13.13
CG MSE A 444 40.06 -7.37 13.24
SE MSE A 444 38.23 -6.54 13.23
CE MSE A 444 37.14 -8.16 12.92
N THR A 445 42.71 -3.70 12.23
CA THR A 445 43.10 -2.29 12.38
C THR A 445 42.90 -1.49 11.07
N LEU A 446 43.19 -2.12 9.93
CA LEU A 446 43.02 -1.47 8.60
C LEU A 446 41.56 -1.15 8.30
N ARG A 447 40.64 -2.03 8.73
CA ARG A 447 39.21 -1.78 8.59
C ARG A 447 38.83 -0.51 9.37
N ARG A 448 39.29 -0.42 10.62
CA ARG A 448 39.03 0.74 11.47
C ARG A 448 39.62 2.05 10.90
N VAL A 449 40.75 1.96 10.21
CA VAL A 449 41.40 3.12 9.58
C VAL A 449 40.62 3.62 8.36
N LEU A 450 40.17 2.68 7.51
CA LEU A 450 39.43 3.00 6.27
C LEU A 450 37.91 3.20 6.45
N THR A 451 37.28 2.34 7.27
CA THR A 451 35.82 2.30 7.50
C THR A 451 35.36 2.96 8.81
N GLY A 452 36.16 2.85 9.87
CA GLY A 452 35.78 3.35 11.19
C GLY A 452 34.71 2.50 11.87
N ARG A 453 34.65 1.22 11.49
CA ARG A 453 33.65 0.27 12.01
C ARG A 453 34.26 -1.13 12.19
N GLU A 454 33.58 -1.96 12.96
CA GLU A 454 34.01 -3.35 13.22
C GLU A 454 33.69 -4.31 12.08
N GLU A 455 32.64 -4.02 11.29
CA GLU A 455 32.28 -4.88 10.15
C GLU A 455 31.88 -4.02 8.93
N GLY A 456 31.79 -4.69 7.77
CA GLY A 456 31.46 -4.06 6.50
C GLY A 456 31.70 -5.03 5.35
N PRO A 457 31.76 -4.53 4.09
CA PRO A 457 32.05 -5.42 2.94
C PRO A 457 33.48 -5.96 2.98
N GLU A 458 33.77 -7.00 2.19
CA GLU A 458 35.13 -7.58 2.16
C GLU A 458 36.17 -6.50 1.85
N LEU A 459 37.27 -6.50 2.59
CA LEU A 459 38.33 -5.49 2.49
C LEU A 459 38.97 -5.45 1.09
N VAL A 460 38.96 -6.60 0.40
CA VAL A 460 39.37 -6.75 -1.01
C VAL A 460 38.53 -5.87 -1.96
N ASN A 461 37.24 -5.68 -1.65
CA ASN A 461 36.34 -4.82 -2.44
C ASN A 461 36.46 -3.32 -2.08
N ILE A 462 36.60 -3.03 -0.78
CA ILE A 462 36.68 -1.65 -0.27
C ILE A 462 37.92 -0.88 -0.76
N ILE A 463 39.09 -1.51 -0.60
CA ILE A 463 40.39 -0.90 -0.92
C ILE A 463 40.55 -0.36 -2.37
N PRO A 464 40.35 -1.20 -3.41
CA PRO A 464 40.47 -0.74 -4.81
C PRO A 464 39.51 0.38 -5.23
N LEU A 465 38.27 0.37 -4.71
CA LEU A 465 37.26 1.39 -5.05
C LEU A 465 37.68 2.78 -4.58
N LEU A 466 38.15 2.85 -3.32
CA LEU A 466 38.75 4.09 -2.78
C LEU A 466 40.03 4.33 -3.57
N GLY A 467 40.41 5.59 -3.75
CA GLY A 467 41.65 5.92 -4.46
C GLY A 467 42.91 5.52 -3.70
N LYS A 468 44.06 5.65 -4.37
CA LYS A 468 45.36 5.45 -3.72
C LYS A 468 45.51 6.57 -2.68
N GLU A 469 45.25 7.81 -3.12
CA GLU A 469 45.25 9.02 -2.29
C GLU A 469 44.31 8.90 -1.09
N ILE A 470 43.12 8.34 -1.31
CA ILE A 470 42.12 8.17 -0.23
C ILE A 470 42.58 7.10 0.80
N PHE A 471 43.22 6.03 0.30
CA PHE A 471 43.76 4.96 1.15
C PHE A 471 44.89 5.48 2.04
N LEU A 472 45.90 6.11 1.43
CA LEU A 472 47.07 6.64 2.15
C LEU A 472 46.76 7.81 3.09
N ARG A 473 45.85 8.70 2.66
CA ARG A 473 45.41 9.85 3.47
C ARG A 473 44.75 9.41 4.78
N ARG A 474 43.95 8.35 4.71
CA ARG A 474 43.28 7.78 5.90
C ARG A 474 44.24 7.08 6.87
N ILE A 475 45.37 6.56 6.38
CA ILE A 475 46.40 5.93 7.23
C ILE A 475 47.11 7.00 8.07
N GLU A 476 47.68 7.99 7.39
CA GLU A 476 48.41 9.10 8.03
C GLU A 476 47.52 9.92 8.99
N ARG A 477 46.25 10.11 8.62
CA ARG A 477 45.27 10.80 9.46
C ARG A 477 44.89 10.01 10.72
N SER A 478 44.84 8.67 10.61
CA SER A 478 44.45 7.82 11.76
C SER A 478 45.47 7.92 12.90
N LEU A 479 46.76 7.91 12.56
CA LEU A 479 47.83 8.16 13.55
C LEU A 479 49.14 8.60 12.87
N GLY A 480 49.75 9.67 13.37
CA GLY A 480 51.00 10.21 12.82
C GLY A 480 51.71 11.18 13.75
CL CL B . -16.59 -1.45 -2.41
CL CL C . -30.60 11.18 7.92
CL CL D . 38.48 -7.75 8.52
C1 GOL E . -12.51 -20.81 -2.56
O1 GOL E . -12.23 -19.91 -3.62
C2 GOL E . -11.93 -22.20 -2.84
O2 GOL E . -10.53 -22.11 -3.06
C3 GOL E . -12.64 -22.90 -4.00
O3 GOL E . -12.03 -22.62 -5.25
#